data_4RUP
#
_entry.id   4RUP
#
_cell.length_a   65.741
_cell.length_b   65.741
_cell.length_c   263.851
_cell.angle_alpha   90.00
_cell.angle_beta   90.00
_cell.angle_gamma   120.00
#
_symmetry.space_group_name_H-M   'P 65 2 2'
#
loop_
_entity.id
_entity.type
_entity.pdbx_description
1 polymer 'Vitamin D3 receptor A'
2 polymer 'Nuclear receptor coactivator 1'
3 non-polymer '(1R,3R,7E,17beta)-17-[(1R)-6,6,6-trifluoro-5-hydroxy-1-(4-hydroxy-4-methylpentyl)-5-(trifluoromethyl)hex-3-yn-1-yl]-9,1 0-secoestra-5,7-diene-1,3-diol'
4 water water
#
loop_
_entity_poly.entity_id
_entity_poly.type
_entity_poly.pdbx_seq_one_letter_code
_entity_poly.pdbx_strand_id
1 'polypeptide(L)'
;GSHMLSDEQMQIINSLVEAHHKTYDDSYSDFVRFRPPVREGPVTRSASRAASLHSLSDASSDSFNHSPESVDTKLNFSNL
LMMYQDSGSPDSSEEDQQSRLSMLPHLADLVSYSIQKVIGFAKMIPGFRDLTAEDQIALLKSSAIEIIMLRSNQSFSLED
MSWSCGGPDFKYCINDVTKAGHTLEHLEPLVKFQVGLKKLKLHEEEHVLLMAICLLSPDRPGVQDHVRIEALQDRLCDVL
QAYIRIQHPGGRLLYAKMIQKLADLRSLNEEHSKQYRSLSFQPEHSMQLTPLVLEVFGSEVS
;
A
2 'polypeptide(L)' RHKILHRLLQEGSPS B
#
loop_
_chem_comp.id
_chem_comp.type
_chem_comp.name
_chem_comp.formula
H97 non-polymer '(1R,3R,7E,17beta)-17-[(1R)-6,6,6-trifluoro-5-hydroxy-1-(4-hydroxy-4-methylpentyl)-5-(trifluoromethyl)hex-3-yn-1-yl]-9,1 0-secoestra-5,7-diene-1,3-diol' 'C31 H44 F6 O4'
#
# COMPACT_ATOMS: atom_id res chain seq x y z
N HIS A 3 -14.31 21.91 15.74
CA HIS A 3 -13.91 21.80 17.14
C HIS A 3 -14.34 20.48 17.77
N MET A 4 -15.01 19.62 17.01
CA MET A 4 -15.47 18.35 17.54
C MET A 4 -15.96 17.37 16.47
N LEU A 5 -15.31 16.20 16.41
CA LEU A 5 -15.67 15.14 15.47
C LEU A 5 -17.17 14.82 15.50
N SER A 6 -17.70 14.40 14.36
CA SER A 6 -19.12 14.08 14.25
C SER A 6 -19.39 12.58 14.29
N ASP A 7 -20.63 12.22 14.59
CA ASP A 7 -21.02 10.83 14.75
C ASP A 7 -20.82 10.00 13.47
N GLU A 8 -20.61 10.68 12.35
CA GLU A 8 -20.36 9.99 11.09
C GLU A 8 -18.87 9.91 10.78
N GLN A 9 -18.12 10.89 11.29
CA GLN A 9 -16.67 10.91 11.10
C GLN A 9 -16.00 9.94 12.07
N MET A 10 -16.56 9.85 13.27
CA MET A 10 -16.13 8.85 14.24
C MET A 10 -16.37 7.46 13.68
N GLN A 11 -17.50 7.29 13.02
CA GLN A 11 -17.88 6.00 12.42
C GLN A 11 -16.88 5.55 11.37
N ILE A 12 -16.52 6.46 10.46
CA ILE A 12 -15.58 6.14 9.40
C ILE A 12 -14.22 5.76 9.95
N ILE A 13 -13.76 6.51 10.95
CA ILE A 13 -12.48 6.21 11.59
C ILE A 13 -12.52 4.84 12.26
N ASN A 14 -13.65 4.52 12.89
CA ASN A 14 -13.83 3.22 13.53
C ASN A 14 -13.78 2.05 12.55
N SER A 15 -14.41 2.21 11.40
CA SER A 15 -14.41 1.18 10.38
C SER A 15 -13.01 0.97 9.82
N LEU A 16 -12.36 2.07 9.47
CA LEU A 16 -11.02 2.02 8.87
C LEU A 16 -9.99 1.38 9.80
N VAL A 17 -9.98 1.79 11.07
CA VAL A 17 -9.04 1.28 12.04
C VAL A 17 -9.22 -0.23 12.24
N GLU A 18 -10.47 -0.66 12.29
CA GLU A 18 -10.80 -2.08 12.42
C GLU A 18 -10.36 -2.83 11.17
N ALA A 19 -10.71 -2.29 10.02
CA ALA A 19 -10.36 -2.89 8.73
C ALA A 19 -8.86 -3.17 8.65
N HIS A 20 -8.06 -2.25 9.19
CA HIS A 20 -6.61 -2.41 9.18
C HIS A 20 -6.15 -3.49 10.15
N HIS A 21 -6.75 -3.51 11.33
CA HIS A 21 -6.44 -4.55 12.32
C HIS A 21 -6.80 -5.90 11.75
N LYS A 22 -7.87 -5.95 10.98
CA LYS A 22 -8.39 -7.19 10.42
C LYS A 22 -7.50 -7.71 9.30
N THR A 23 -6.66 -6.83 8.76
CA THR A 23 -5.88 -7.16 7.56
C THR A 23 -4.38 -6.94 7.68
N TYR A 24 -3.89 -6.73 8.90
CA TYR A 24 -2.46 -6.53 9.11
C TYR A 24 -1.95 -7.20 10.39
N ASP A 25 -1.32 -8.35 10.23
CA ASP A 25 -0.73 -9.08 11.35
C ASP A 25 0.58 -8.43 11.79
N ASP A 26 0.67 -8.05 13.06
CA ASP A 26 1.84 -7.40 13.61
C ASP A 26 2.95 -8.39 13.98
N SER A 27 2.68 -9.68 13.81
CA SER A 27 3.67 -10.70 14.11
C SER A 27 4.30 -11.25 12.83
N TYR A 28 3.56 -11.14 11.73
CA TYR A 28 4.03 -11.59 10.43
C TYR A 28 4.20 -13.11 10.39
N SER A 29 3.31 -13.79 11.11
CA SER A 29 3.37 -15.25 11.25
C SER A 29 3.12 -15.99 9.94
N ASP A 30 2.35 -15.37 9.04
CA ASP A 30 2.04 -15.98 7.76
C ASP A 30 3.28 -16.11 6.88
N PHE A 31 4.31 -15.34 7.22
CA PHE A 31 5.52 -15.26 6.40
C PHE A 31 6.21 -16.60 6.16
N VAL A 32 6.10 -17.52 7.12
CA VAL A 32 6.68 -18.84 6.97
C VAL A 32 6.09 -19.54 5.74
N ARG A 33 4.86 -19.16 5.39
CA ARG A 33 4.16 -19.78 4.28
C ARG A 33 4.76 -19.38 2.92
N PHE A 34 5.58 -18.34 2.93
CA PHE A 34 6.20 -17.86 1.69
C PHE A 34 7.37 -18.75 1.27
N ARG A 35 7.65 -18.76 -0.03
CA ARG A 35 8.88 -19.35 -0.53
C ARG A 35 10.04 -18.70 0.22
N PRO A 36 10.89 -19.51 0.86
CA PRO A 36 11.98 -19.04 1.73
C PRO A 36 12.82 -17.97 1.07
N PRO A 37 13.42 -17.08 1.88
CA PRO A 37 14.34 -16.05 1.39
C PRO A 37 15.71 -16.67 1.10
N VAL A 38 16.33 -16.24 0.00
CA VAL A 38 17.70 -16.66 -0.29
C VAL A 38 18.57 -15.44 -0.54
N ARG A 39 19.61 -15.29 0.27
CA ARG A 39 20.56 -14.21 0.11
C ARG A 39 21.96 -14.77 -0.13
N ARG A 100 20.58 -15.53 -10.79
CA ARG A 100 20.50 -14.52 -9.74
C ARG A 100 19.06 -14.26 -9.30
N LEU A 101 18.83 -13.14 -8.63
CA LEU A 101 17.51 -12.77 -8.12
C LEU A 101 16.98 -13.78 -7.11
N SER A 102 17.80 -14.08 -6.11
CA SER A 102 17.46 -15.09 -5.11
C SER A 102 16.29 -14.71 -4.20
N MET A 103 16.07 -13.40 -4.04
CA MET A 103 14.99 -12.93 -3.16
C MET A 103 13.66 -12.76 -3.89
N LEU A 104 13.67 -12.89 -5.20
CA LEU A 104 12.47 -12.69 -6.01
C LEU A 104 11.29 -13.55 -5.57
N PRO A 105 11.50 -14.87 -5.45
CA PRO A 105 10.37 -15.74 -5.06
C PRO A 105 9.74 -15.31 -3.74
N HIS A 106 10.57 -15.04 -2.74
CA HIS A 106 10.07 -14.65 -1.43
C HIS A 106 9.31 -13.32 -1.48
N LEU A 107 9.96 -12.29 -1.98
CA LEU A 107 9.35 -10.95 -2.06
C LEU A 107 8.09 -10.95 -2.91
N ALA A 108 8.11 -11.73 -3.99
CA ALA A 108 6.93 -11.88 -4.83
C ALA A 108 5.80 -12.48 -4.00
N ASP A 109 6.12 -13.49 -3.21
CA ASP A 109 5.16 -14.09 -2.29
C ASP A 109 4.70 -13.05 -1.28
N LEU A 110 5.66 -12.29 -0.74
CA LEU A 110 5.36 -11.23 0.21
C LEU A 110 4.38 -10.22 -0.36
N VAL A 111 4.65 -9.78 -1.58
CA VAL A 111 3.83 -8.78 -2.25
C VAL A 111 2.47 -9.32 -2.65
N SER A 112 2.44 -10.54 -3.16
CA SER A 112 1.18 -11.19 -3.51
C SER A 112 0.27 -11.27 -2.29
N TYR A 113 0.85 -11.73 -1.19
CA TYR A 113 0.15 -11.81 0.09
C TYR A 113 -0.39 -10.44 0.50
N SER A 114 0.47 -9.43 0.42
CA SER A 114 0.10 -8.06 0.80
C SER A 114 -1.08 -7.55 -0.02
N ILE A 115 -1.03 -7.79 -1.33
CA ILE A 115 -2.13 -7.39 -2.21
C ILE A 115 -3.46 -7.90 -1.70
N GLN A 116 -3.47 -9.17 -1.29
CA GLN A 116 -4.67 -9.77 -0.72
C GLN A 116 -5.13 -8.99 0.51
N LYS A 117 -4.19 -8.66 1.39
CA LYS A 117 -4.49 -7.87 2.58
C LYS A 117 -5.01 -6.49 2.19
N VAL A 118 -4.37 -5.88 1.21
CA VAL A 118 -4.77 -4.56 0.73
C VAL A 118 -6.19 -4.61 0.18
N ILE A 119 -6.53 -5.71 -0.49
CA ILE A 119 -7.88 -5.89 -1.01
C ILE A 119 -8.89 -6.02 0.13
N GLY A 120 -8.53 -6.80 1.14
CA GLY A 120 -9.38 -6.99 2.30
C GLY A 120 -9.66 -5.67 2.99
N PHE A 121 -8.64 -4.82 3.06
CA PHE A 121 -8.77 -3.49 3.66
C PHE A 121 -9.70 -2.62 2.83
N ALA A 122 -9.43 -2.55 1.52
CA ALA A 122 -10.20 -1.71 0.61
C ALA A 122 -11.69 -2.04 0.68
N LYS A 123 -12.01 -3.33 0.65
CA LYS A 123 -13.41 -3.77 0.67
C LYS A 123 -14.17 -3.25 1.89
N MET A 124 -13.43 -2.78 2.89
CA MET A 124 -14.07 -2.27 4.11
C MET A 124 -14.06 -0.74 4.16
N ILE A 125 -13.32 -0.11 3.25
CA ILE A 125 -13.40 1.33 3.10
C ILE A 125 -14.82 1.71 2.75
N PRO A 126 -15.40 2.65 3.50
CA PRO A 126 -16.78 3.11 3.24
C PRO A 126 -16.99 3.60 1.80
N GLY A 127 -18.04 3.11 1.17
CA GLY A 127 -18.41 3.56 -0.17
C GLY A 127 -17.63 2.89 -1.29
N PHE A 128 -16.60 2.12 -0.93
CA PHE A 128 -15.78 1.43 -1.91
C PHE A 128 -16.55 0.30 -2.57
N ARG A 129 -17.24 -0.50 -1.77
CA ARG A 129 -18.03 -1.62 -2.27
C ARG A 129 -19.07 -1.17 -3.28
N ASP A 130 -19.56 0.06 -3.12
CA ASP A 130 -20.63 0.57 -3.97
C ASP A 130 -20.14 0.97 -5.36
N LEU A 131 -18.83 1.02 -5.54
CA LEU A 131 -18.25 1.33 -6.85
C LEU A 131 -18.41 0.12 -7.77
N THR A 132 -18.29 0.34 -9.07
CA THR A 132 -18.36 -0.75 -10.03
C THR A 132 -17.18 -1.67 -9.83
N ALA A 133 -17.36 -2.95 -10.13
CA ALA A 133 -16.26 -3.90 -10.09
C ALA A 133 -15.12 -3.34 -10.93
N GLU A 134 -15.49 -2.74 -12.05
CA GLU A 134 -14.53 -2.12 -12.95
C GLU A 134 -13.62 -1.14 -12.23
N ASP A 135 -14.23 -0.23 -11.47
CA ASP A 135 -13.47 0.79 -10.74
C ASP A 135 -12.64 0.22 -9.59
N GLN A 136 -13.27 -0.59 -8.75
CA GLN A 136 -12.57 -1.21 -7.63
C GLN A 136 -11.27 -1.82 -8.11
N ILE A 137 -11.31 -2.40 -9.30
CA ILE A 137 -10.14 -3.00 -9.93
C ILE A 137 -9.18 -1.92 -10.44
N ALA A 138 -9.73 -0.91 -11.09
CA ALA A 138 -8.93 0.21 -11.60
C ALA A 138 -8.14 0.87 -10.47
N LEU A 139 -8.79 1.05 -9.33
CA LEU A 139 -8.16 1.68 -8.19
C LEU A 139 -7.12 0.76 -7.53
N LEU A 140 -7.51 -0.48 -7.30
CA LEU A 140 -6.61 -1.45 -6.68
C LEU A 140 -5.34 -1.68 -7.50
N LYS A 141 -5.50 -1.83 -8.82
CA LYS A 141 -4.36 -2.06 -9.70
C LYS A 141 -3.35 -0.92 -9.63
N SER A 142 -3.85 0.31 -9.69
CA SER A 142 -2.99 1.49 -9.77
C SER A 142 -2.44 1.94 -8.41
N SER A 143 -3.17 1.63 -7.34
CA SER A 143 -2.75 2.05 -6.00
C SER A 143 -2.10 0.90 -5.24
N ALA A 144 -2.20 -0.30 -5.79
CA ALA A 144 -1.67 -1.51 -5.15
C ALA A 144 -0.34 -1.28 -4.46
N ILE A 145 0.69 -0.99 -5.25
CA ILE A 145 2.05 -0.89 -4.72
C ILE A 145 2.22 0.25 -3.71
N GLU A 146 1.47 1.34 -3.92
CA GLU A 146 1.55 2.48 -3.02
C GLU A 146 1.03 2.11 -1.64
N ILE A 147 -0.17 1.52 -1.60
CA ILE A 147 -0.77 1.08 -0.34
C ILE A 147 0.17 0.14 0.40
N ILE A 148 0.86 -0.70 -0.36
CA ILE A 148 1.81 -1.64 0.22
C ILE A 148 3.01 -0.91 0.84
N MET A 149 3.50 0.11 0.14
CA MET A 149 4.59 0.93 0.65
C MET A 149 4.19 1.66 1.93
N LEU A 150 2.94 2.10 1.97
CA LEU A 150 2.42 2.82 3.14
C LEU A 150 2.29 1.91 4.36
N ARG A 151 1.70 0.74 4.16
CA ARG A 151 1.44 -0.18 5.27
C ARG A 151 2.73 -0.80 5.80
N SER A 152 3.75 -0.88 4.95
CA SER A 152 5.01 -1.49 5.32
C SER A 152 5.78 -0.62 6.32
N ASN A 153 5.33 0.60 6.50
CA ASN A 153 6.00 1.53 7.42
C ASN A 153 5.94 1.05 8.87
N GLN A 154 4.90 0.28 9.19
CA GLN A 154 4.76 -0.27 10.53
C GLN A 154 5.88 -1.26 10.83
N SER A 155 6.44 -1.86 9.79
CA SER A 155 7.50 -2.84 9.95
C SER A 155 8.88 -2.25 9.71
N PHE A 156 8.92 -1.08 9.07
CA PHE A 156 10.18 -0.39 8.86
C PHE A 156 10.67 0.18 10.19
N SER A 157 11.98 0.35 10.32
CA SER A 157 12.56 0.93 11.53
C SER A 157 13.82 1.72 11.24
N LEU A 158 13.93 2.88 11.87
CA LEU A 158 15.07 3.77 11.67
C LEU A 158 16.32 3.18 12.29
N GLU A 159 16.14 2.45 13.39
CA GLU A 159 17.25 1.81 14.09
C GLU A 159 18.24 1.19 13.11
N ASP A 160 17.73 0.36 12.21
CA ASP A 160 18.58 -0.33 11.24
C ASP A 160 18.16 -0.14 9.78
N MET A 161 17.28 0.82 9.54
CA MET A 161 16.91 1.23 8.18
C MET A 161 16.41 0.07 7.33
N SER A 162 15.57 -0.77 7.91
CA SER A 162 15.05 -1.93 7.20
C SER A 162 13.64 -2.28 7.68
N TRP A 163 12.96 -3.14 6.92
CA TRP A 163 11.70 -3.70 7.37
C TRP A 163 12.00 -4.94 8.20
N SER A 164 11.64 -4.90 9.48
CA SER A 164 11.91 -6.01 10.38
C SER A 164 10.65 -6.83 10.63
N CYS A 165 10.47 -7.89 9.85
CA CYS A 165 9.24 -8.70 9.93
C CYS A 165 9.45 -10.00 10.71
N GLY A 166 10.61 -10.13 11.34
CA GLY A 166 10.89 -11.33 12.12
C GLY A 166 12.37 -11.53 12.35
N GLY A 167 12.76 -12.77 12.61
CA GLY A 167 14.15 -13.11 12.82
C GLY A 167 15.03 -12.71 11.65
N PRO A 168 16.26 -13.24 11.61
CA PRO A 168 17.23 -12.88 10.57
C PRO A 168 16.65 -13.08 9.18
N ASP A 169 15.76 -14.06 9.05
CA ASP A 169 15.18 -14.41 7.75
C ASP A 169 14.27 -13.33 7.18
N PHE A 170 13.50 -12.68 8.03
CA PHE A 170 12.48 -11.74 7.56
C PHE A 170 12.84 -10.27 7.72
N LYS A 171 14.04 -9.99 8.23
CA LYS A 171 14.51 -8.62 8.28
C LYS A 171 14.99 -8.19 6.90
N TYR A 172 14.21 -7.33 6.25
CA TYR A 172 14.49 -6.93 4.87
C TYR A 172 15.27 -5.62 4.78
N CYS A 173 16.49 -5.71 4.29
CA CYS A 173 17.30 -4.51 4.03
C CYS A 173 17.29 -4.20 2.54
N ILE A 174 17.82 -3.03 2.18
CA ILE A 174 17.79 -2.57 0.80
C ILE A 174 18.52 -3.52 -0.15
N ASN A 175 19.54 -4.20 0.37
CA ASN A 175 20.28 -5.16 -0.45
C ASN A 175 19.42 -6.35 -0.86
N ASP A 176 18.61 -6.83 0.06
CA ASP A 176 17.73 -7.97 -0.20
C ASP A 176 16.85 -7.71 -1.43
N VAL A 177 16.30 -6.50 -1.51
CA VAL A 177 15.41 -6.13 -2.61
C VAL A 177 16.17 -6.03 -3.94
N THR A 178 17.47 -5.76 -3.86
CA THR A 178 18.32 -5.77 -5.04
C THR A 178 18.28 -7.15 -5.68
N LYS A 179 18.29 -8.17 -4.83
CA LYS A 179 18.24 -9.56 -5.29
C LYS A 179 16.83 -9.95 -5.72
N ALA A 180 16.02 -8.94 -6.01
CA ALA A 180 14.67 -9.15 -6.50
C ALA A 180 14.48 -8.43 -7.84
N GLY A 181 15.56 -7.83 -8.34
CA GLY A 181 15.55 -7.21 -9.65
C GLY A 181 15.35 -5.70 -9.65
N HIS A 182 15.44 -5.09 -8.46
CA HIS A 182 15.32 -3.65 -8.37
C HIS A 182 16.67 -2.99 -8.08
N THR A 183 16.87 -1.78 -8.60
CA THR A 183 18.14 -1.10 -8.49
C THR A 183 18.24 -0.26 -7.22
N LEU A 184 19.41 -0.28 -6.59
CA LEU A 184 19.69 0.57 -5.44
C LEU A 184 19.33 2.02 -5.77
N GLU A 185 19.48 2.38 -7.05
CA GLU A 185 19.16 3.72 -7.51
C GLU A 185 17.74 4.12 -7.17
N HIS A 186 16.78 3.26 -7.50
CA HIS A 186 15.36 3.57 -7.27
C HIS A 186 14.85 3.04 -5.95
N LEU A 187 15.73 2.44 -5.15
CA LEU A 187 15.38 1.98 -3.82
C LEU A 187 15.61 3.09 -2.79
N GLU A 188 16.53 4.00 -3.10
CA GLU A 188 16.83 5.11 -2.20
C GLU A 188 15.59 5.92 -1.83
N PRO A 189 14.84 6.40 -2.84
CA PRO A 189 13.64 7.20 -2.55
C PRO A 189 12.66 6.45 -1.65
N LEU A 190 12.61 5.13 -1.76
CA LEU A 190 11.74 4.33 -0.91
C LEU A 190 12.19 4.43 0.54
N VAL A 191 13.46 4.13 0.78
CA VAL A 191 14.04 4.23 2.11
C VAL A 191 13.78 5.63 2.67
N LYS A 192 14.13 6.64 1.88
CA LYS A 192 13.93 8.03 2.27
C LYS A 192 12.46 8.30 2.59
N PHE A 193 11.56 7.73 1.79
CA PHE A 193 10.13 7.91 1.99
C PHE A 193 9.66 7.29 3.30
N GLN A 194 10.12 6.07 3.58
CA GLN A 194 9.74 5.38 4.80
C GLN A 194 10.19 6.16 6.04
N VAL A 195 11.39 6.70 5.99
CA VAL A 195 11.95 7.46 7.11
C VAL A 195 11.08 8.67 7.44
N GLY A 196 10.82 9.50 6.43
CA GLY A 196 10.02 10.68 6.61
C GLY A 196 8.63 10.36 7.14
N LEU A 197 8.05 9.28 6.63
CA LEU A 197 6.75 8.82 7.09
C LEU A 197 6.86 8.37 8.54
N LYS A 198 7.92 7.66 8.85
CA LYS A 198 8.18 7.17 10.20
C LYS A 198 8.36 8.33 11.18
N LYS A 199 9.01 9.40 10.71
CA LYS A 199 9.26 10.57 11.53
C LYS A 199 7.99 11.36 11.86
N LEU A 200 6.92 11.12 11.10
CA LEU A 200 5.66 11.81 11.32
C LEU A 200 4.90 11.25 12.52
N LYS A 201 5.37 10.12 13.04
CA LYS A 201 4.70 9.46 14.15
C LYS A 201 3.18 9.51 14.03
N LEU A 202 2.66 9.04 12.89
CA LEU A 202 1.24 9.07 12.65
C LEU A 202 0.46 8.26 13.68
N HIS A 203 -0.64 8.82 14.15
CA HIS A 203 -1.61 8.04 14.92
C HIS A 203 -2.12 6.95 13.99
N GLU A 204 -2.59 5.86 14.58
CA GLU A 204 -3.13 4.76 13.80
C GLU A 204 -4.22 5.27 12.86
N GLU A 205 -5.04 6.17 13.38
CA GLU A 205 -6.15 6.74 12.61
C GLU A 205 -5.67 7.44 11.34
N GLU A 206 -4.61 8.24 11.47
CA GLU A 206 -4.06 8.98 10.35
C GLU A 206 -3.39 8.03 9.36
N HIS A 207 -2.62 7.09 9.89
CA HIS A 207 -2.00 6.05 9.07
C HIS A 207 -3.07 5.35 8.25
N VAL A 208 -4.11 4.90 8.95
CA VAL A 208 -5.23 4.20 8.33
C VAL A 208 -5.97 5.07 7.33
N LEU A 209 -6.16 6.34 7.67
CA LEU A 209 -6.86 7.28 6.80
C LEU A 209 -6.03 7.57 5.56
N LEU A 210 -4.72 7.72 5.74
CA LEU A 210 -3.83 7.99 4.62
C LEU A 210 -3.91 6.88 3.58
N MET A 211 -3.94 5.64 4.04
CA MET A 211 -4.06 4.49 3.14
C MET A 211 -5.35 4.55 2.33
N ALA A 212 -6.46 4.78 3.02
CA ALA A 212 -7.77 4.82 2.37
C ALA A 212 -7.88 5.98 1.39
N ILE A 213 -7.28 7.11 1.74
CA ILE A 213 -7.27 8.29 0.88
C ILE A 213 -6.42 8.04 -0.36
N CYS A 214 -5.24 7.46 -0.15
CA CYS A 214 -4.37 7.10 -1.25
C CYS A 214 -5.10 6.21 -2.25
N LEU A 215 -5.78 5.20 -1.72
CA LEU A 215 -6.49 4.23 -2.55
C LEU A 215 -7.61 4.89 -3.36
N LEU A 216 -8.33 5.81 -2.73
CA LEU A 216 -9.48 6.45 -3.38
C LEU A 216 -9.11 7.63 -4.25
N SER A 217 -7.84 7.69 -4.68
CA SER A 217 -7.41 8.71 -5.62
C SER A 217 -8.19 8.57 -6.93
N PRO A 218 -8.73 9.69 -7.43
CA PRO A 218 -9.57 9.69 -8.64
C PRO A 218 -8.73 9.67 -9.91
N ASP A 219 -7.48 10.11 -9.80
CA ASP A 219 -6.60 10.23 -10.96
C ASP A 219 -5.72 8.99 -11.14
N ARG A 220 -6.35 7.88 -11.50
CA ARG A 220 -5.64 6.64 -11.79
C ARG A 220 -6.00 6.18 -13.19
N PRO A 221 -5.04 5.58 -13.90
CA PRO A 221 -5.38 5.01 -15.21
C PRO A 221 -6.45 3.93 -15.06
N GLY A 222 -7.65 4.17 -15.59
CA GLY A 222 -8.68 3.16 -15.59
C GLY A 222 -10.00 3.54 -14.93
N VAL A 223 -9.97 4.52 -14.04
CA VAL A 223 -11.19 4.90 -13.32
C VAL A 223 -12.24 5.47 -14.26
N GLN A 224 -13.50 5.13 -14.01
CA GLN A 224 -14.60 5.65 -14.80
C GLN A 224 -15.30 6.81 -14.10
N ASP A 225 -16.01 6.48 -13.02
CA ASP A 225 -16.76 7.48 -12.27
C ASP A 225 -15.85 8.25 -11.31
N HIS A 226 -14.98 9.08 -11.88
CA HIS A 226 -13.99 9.81 -11.09
C HIS A 226 -14.59 10.96 -10.29
N VAL A 227 -15.92 11.11 -10.36
CA VAL A 227 -16.60 12.10 -9.54
C VAL A 227 -17.01 11.50 -8.22
N ARG A 228 -17.59 10.31 -8.28
CA ARG A 228 -17.99 9.57 -7.09
C ARG A 228 -16.75 9.18 -6.28
N ILE A 229 -15.63 9.01 -6.96
CA ILE A 229 -14.38 8.65 -6.31
C ILE A 229 -13.71 9.86 -5.69
N GLU A 230 -13.73 10.99 -6.41
CA GLU A 230 -13.18 12.23 -5.86
C GLU A 230 -14.01 12.67 -4.66
N ALA A 231 -15.31 12.41 -4.72
CA ALA A 231 -16.22 12.75 -3.63
C ALA A 231 -15.86 11.96 -2.38
N LEU A 232 -15.75 10.65 -2.52
CA LEU A 232 -15.38 9.78 -1.41
C LEU A 232 -14.04 10.19 -0.80
N GLN A 233 -13.08 10.52 -1.66
CA GLN A 233 -11.71 10.82 -1.21
C GLN A 233 -11.63 12.10 -0.38
N ASP A 234 -12.13 13.21 -0.93
CA ASP A 234 -12.04 14.47 -0.20
C ASP A 234 -13.00 14.53 0.99
N ARG A 235 -13.88 13.55 1.09
CA ARG A 235 -14.66 13.36 2.31
C ARG A 235 -13.75 12.77 3.37
N LEU A 236 -13.02 11.72 2.99
CA LEU A 236 -12.00 11.13 3.84
C LEU A 236 -11.01 12.20 4.27
N CYS A 237 -10.55 12.99 3.30
CA CYS A 237 -9.60 14.06 3.57
C CYS A 237 -10.09 14.97 4.70
N ASP A 238 -11.35 15.36 4.62
CA ASP A 238 -11.96 16.17 5.67
C ASP A 238 -11.72 15.53 7.04
N VAL A 239 -12.05 14.26 7.15
CA VAL A 239 -11.86 13.51 8.38
C VAL A 239 -10.43 13.64 8.88
N LEU A 240 -9.47 13.36 8.00
CA LEU A 240 -8.06 13.44 8.35
C LEU A 240 -7.71 14.83 8.90
N GLN A 241 -8.12 15.87 8.19
CA GLN A 241 -7.92 17.24 8.65
C GLN A 241 -8.58 17.46 9.99
N ALA A 242 -9.87 17.11 10.06
CA ALA A 242 -10.65 17.25 11.28
C ALA A 242 -9.99 16.50 12.42
N TYR A 243 -9.69 15.23 12.19
CA TYR A 243 -9.07 14.41 13.23
C TYR A 243 -7.75 15.01 13.71
N ILE A 244 -6.85 15.29 12.78
CA ILE A 244 -5.56 15.88 13.11
C ILE A 244 -5.74 17.15 13.94
N ARG A 245 -6.67 18.00 13.50
CA ARG A 245 -6.84 19.33 14.08
C ARG A 245 -7.36 19.31 15.53
N ILE A 246 -8.14 18.29 15.89
CA ILE A 246 -8.74 18.26 17.21
C ILE A 246 -8.21 17.15 18.12
N GLN A 247 -7.46 16.22 17.55
CA GLN A 247 -6.97 15.07 18.32
C GLN A 247 -5.45 14.93 18.33
N HIS A 248 -4.77 15.66 17.45
CA HIS A 248 -3.31 15.57 17.34
C HIS A 248 -2.65 16.89 17.69
N PRO A 249 -2.15 17.02 18.93
CA PRO A 249 -1.47 18.24 19.35
C PRO A 249 -0.18 18.45 18.55
N GLY A 250 -0.05 19.62 17.94
CA GLY A 250 1.12 19.94 17.13
C GLY A 250 0.95 19.54 15.68
N GLY A 251 -0.28 19.18 15.31
CA GLY A 251 -0.57 18.74 13.96
C GLY A 251 -0.75 19.88 12.99
N ARG A 252 -0.48 21.10 13.45
CA ARG A 252 -0.64 22.31 12.64
C ARG A 252 -0.25 22.11 11.18
N LEU A 253 0.86 21.40 10.96
CA LEU A 253 1.44 21.28 9.63
C LEU A 253 1.28 19.89 9.03
N LEU A 254 0.86 18.94 9.85
CA LEU A 254 0.85 17.52 9.49
C LEU A 254 0.12 17.19 8.18
N TYR A 255 -1.15 17.57 8.08
CA TYR A 255 -1.96 17.22 6.93
C TYR A 255 -1.28 17.53 5.59
N ALA A 256 -0.65 18.69 5.52
CA ALA A 256 0.10 19.06 4.32
C ALA A 256 1.23 18.07 4.08
N LYS A 257 1.99 17.79 5.13
CA LYS A 257 3.09 16.84 5.04
C LYS A 257 2.61 15.47 4.58
N MET A 258 1.40 15.10 4.98
CA MET A 258 0.84 13.80 4.61
C MET A 258 0.47 13.74 3.14
N ILE A 259 -0.09 14.84 2.62
CA ILE A 259 -0.41 14.92 1.20
C ILE A 259 0.87 14.95 0.36
N GLN A 260 1.94 15.43 0.96
CA GLN A 260 3.25 15.38 0.32
C GLN A 260 3.58 13.94 -0.03
N LYS A 261 3.40 13.07 0.96
CA LYS A 261 3.71 11.64 0.81
C LYS A 261 3.03 11.03 -0.40
N LEU A 262 1.76 11.38 -0.61
CA LEU A 262 1.00 10.83 -1.72
C LEU A 262 1.68 11.11 -3.05
N ALA A 263 2.17 12.34 -3.22
CA ALA A 263 2.91 12.70 -4.42
C ALA A 263 4.19 11.88 -4.52
N ASP A 264 4.90 11.76 -3.40
CA ASP A 264 6.08 10.91 -3.34
C ASP A 264 5.73 9.51 -3.84
N LEU A 265 4.61 8.99 -3.37
CA LEU A 265 4.16 7.66 -3.72
C LEU A 265 3.95 7.48 -5.22
N ARG A 266 3.44 8.52 -5.88
CA ARG A 266 3.18 8.46 -7.31
C ARG A 266 4.43 8.12 -8.11
N SER A 267 5.50 8.88 -7.86
CA SER A 267 6.76 8.64 -8.55
C SER A 267 7.37 7.32 -8.09
N LEU A 268 7.27 7.03 -6.80
CA LEU A 268 7.71 5.74 -6.27
C LEU A 268 6.98 4.62 -6.97
N ASN A 269 5.69 4.84 -7.22
CA ASN A 269 4.88 3.91 -7.99
C ASN A 269 5.41 3.81 -9.42
N GLU A 270 5.71 4.97 -9.99
CA GLU A 270 6.15 5.05 -11.39
C GLU A 270 7.43 4.26 -11.62
N GLU A 271 8.47 4.56 -10.84
CA GLU A 271 9.74 3.86 -10.97
C GLU A 271 9.56 2.35 -10.89
N HIS A 272 8.73 1.91 -9.95
CA HIS A 272 8.47 0.49 -9.78
C HIS A 272 7.82 -0.13 -11.02
N SER A 273 6.79 0.52 -11.53
CA SER A 273 6.06 0.02 -12.68
C SER A 273 6.98 -0.17 -13.89
N LYS A 274 8.03 0.64 -13.95
CA LYS A 274 9.03 0.50 -15.01
C LYS A 274 9.88 -0.74 -14.79
N GLN A 275 10.59 -0.78 -13.67
CA GLN A 275 11.45 -1.91 -13.35
C GLN A 275 10.69 -3.23 -13.29
N TYR A 276 9.38 -3.15 -13.07
CA TYR A 276 8.55 -4.35 -13.06
C TYR A 276 8.27 -4.87 -14.47
N ARG A 277 8.12 -3.96 -15.43
CA ARG A 277 7.88 -4.35 -16.80
C ARG A 277 9.06 -5.18 -17.32
N SER A 278 10.26 -4.76 -16.92
CA SER A 278 11.48 -5.52 -17.23
C SER A 278 11.30 -6.97 -16.82
N LEU A 279 11.05 -7.18 -15.54
CA LEU A 279 10.80 -8.52 -15.00
C LEU A 279 9.71 -9.24 -15.79
N SER A 280 8.54 -8.60 -15.89
CA SER A 280 7.37 -9.21 -16.48
C SER A 280 7.59 -9.64 -17.93
N PHE A 281 8.67 -9.15 -18.55
CA PHE A 281 8.96 -9.47 -19.93
C PHE A 281 9.98 -10.60 -20.07
N GLN A 282 10.77 -10.82 -19.03
CA GLN A 282 11.73 -11.91 -19.01
C GLN A 282 11.13 -13.11 -18.27
N PRO A 283 10.68 -14.12 -19.03
CA PRO A 283 9.97 -15.30 -18.51
C PRO A 283 10.71 -16.01 -17.38
N GLU A 284 12.03 -16.15 -17.49
CA GLU A 284 12.83 -16.75 -16.43
C GLU A 284 12.59 -16.02 -15.11
N HIS A 285 12.13 -14.78 -15.19
CA HIS A 285 11.82 -13.99 -14.01
C HIS A 285 10.31 -13.90 -13.75
N SER A 286 9.54 -13.67 -14.81
CA SER A 286 8.08 -13.56 -14.67
C SER A 286 7.48 -14.84 -14.13
N MET A 287 8.14 -15.96 -14.40
CA MET A 287 7.68 -17.26 -13.92
C MET A 287 7.82 -17.38 -12.41
N GLN A 288 8.64 -16.49 -11.84
CA GLN A 288 8.85 -16.48 -10.39
C GLN A 288 7.76 -15.71 -9.65
N LEU A 289 6.95 -14.98 -10.41
CA LEU A 289 5.87 -14.20 -9.83
C LEU A 289 4.66 -15.08 -9.52
N THR A 290 3.67 -14.50 -8.87
CA THR A 290 2.42 -15.19 -8.60
C THR A 290 1.35 -14.69 -9.57
N PRO A 291 0.32 -15.52 -9.82
CA PRO A 291 -0.79 -15.11 -10.69
C PRO A 291 -1.40 -13.78 -10.25
N LEU A 292 -1.61 -13.59 -8.96
CA LEU A 292 -2.20 -12.35 -8.45
C LEU A 292 -1.34 -11.14 -8.83
N VAL A 293 -0.05 -11.22 -8.53
CA VAL A 293 0.88 -10.15 -8.87
C VAL A 293 0.82 -9.84 -10.37
N LEU A 294 0.91 -10.88 -11.19
CA LEU A 294 0.89 -10.74 -12.63
C LEU A 294 -0.39 -10.07 -13.12
N GLU A 295 -1.49 -10.34 -12.42
CA GLU A 295 -2.79 -9.78 -12.78
C GLU A 295 -2.89 -8.32 -12.36
N VAL A 296 -2.39 -8.02 -11.17
CA VAL A 296 -2.46 -6.67 -10.60
C VAL A 296 -1.51 -5.68 -11.27
N PHE A 297 -0.29 -6.11 -11.51
CA PHE A 297 0.71 -5.25 -12.15
C PHE A 297 0.76 -5.46 -13.66
N GLY A 298 -0.25 -6.14 -14.19
CA GLY A 298 -0.34 -6.39 -15.63
C GLY A 298 -1.07 -5.27 -16.34
N SER A 299 -0.95 -5.24 -17.67
CA SER A 299 -1.57 -4.19 -18.47
C SER A 299 -2.94 -4.57 -18.98
N GLU A 300 -3.27 -5.85 -18.87
CA GLU A 300 -4.44 -6.41 -19.54
C GLU A 300 -5.77 -6.00 -18.92
N VAL A 301 -6.26 -4.83 -19.33
CA VAL A 301 -7.55 -4.32 -18.86
C VAL A 301 -8.59 -4.42 -19.96
N ARG B 1 -9.89 -8.87 -18.33
CA ARG B 1 -10.23 -10.11 -17.65
C ARG B 1 -10.24 -9.91 -16.14
N HIS B 2 -9.14 -10.28 -15.49
CA HIS B 2 -8.97 -10.11 -14.05
C HIS B 2 -9.79 -11.11 -13.23
N LYS B 3 -9.72 -12.39 -13.61
CA LYS B 3 -10.45 -13.44 -12.92
C LYS B 3 -10.24 -13.41 -11.40
N ILE B 4 -8.98 -13.26 -10.98
CA ILE B 4 -8.65 -13.35 -9.56
C ILE B 4 -9.13 -12.14 -8.74
N LEU B 5 -8.89 -10.93 -9.24
CA LEU B 5 -9.34 -9.72 -8.55
C LEU B 5 -10.85 -9.71 -8.36
N HIS B 6 -11.59 -10.09 -9.40
CA HIS B 6 -13.03 -10.20 -9.31
C HIS B 6 -13.42 -11.11 -8.15
N ARG B 7 -12.84 -12.31 -8.15
CA ARG B 7 -13.09 -13.29 -7.10
C ARG B 7 -12.82 -12.71 -5.72
N LEU B 8 -11.65 -12.11 -5.56
CA LEU B 8 -11.22 -11.59 -4.27
C LEU B 8 -12.09 -10.43 -3.77
N LEU B 9 -12.72 -9.73 -4.71
CA LEU B 9 -13.64 -8.66 -4.35
C LEU B 9 -15.02 -9.25 -4.09
N GLN B 10 -15.05 -10.33 -3.31
CA GLN B 10 -16.26 -11.10 -3.07
C GLN B 10 -17.23 -11.06 -4.24
C1 H97 C . 5.20 -5.95 5.92
F1 H97 C . 10.27 -7.42 -7.87
O1 H97 C . 5.20 -4.61 6.42
C2 H97 C . 3.97 -6.18 5.08
F2 H97 C . 8.59 -8.57 -8.55
O2 H97 C . 2.62 -5.24 3.32
C3 H97 C . 3.83 -5.05 4.05
F3 H97 C . 9.16 -8.60 -6.48
O3 H97 C . 8.30 -5.71 -8.32
C4 H97 C . 5.01 -5.08 3.08
F4 H97 C . 6.30 -7.50 -8.38
O4 H97 C . 10.64 0.34 -7.15
C5 H97 C . 6.33 -5.30 3.79
F5 H97 C . 6.59 -8.13 -6.36
C6 H97 C . 7.46 -4.75 3.32
F6 H97 C . 5.94 -6.08 -6.78
C7 H97 C . 7.52 -3.90 2.13
C8 H97 C . 8.67 -3.88 1.43
C9 H97 C . 9.84 -4.75 1.87
C10 H97 C . 6.41 -6.17 5.03
C11 H97 C . 10.40 -5.50 0.67
C12 H97 C . 10.60 -4.59 -0.55
C13 H97 C . 9.27 -3.96 -0.92
C14 H97 C . 8.88 -3.04 0.21
C15 H97 C . 7.71 -2.24 -0.35
C16 H97 C . 7.93 -2.23 -1.87
C17 H97 C . 9.24 -2.99 -2.11
C18 H97 C . 8.15 -5.00 -1.01
C20 H97 C . 9.45 -3.52 -3.55
C21 H97 C . 9.23 -5.03 -3.64
C22 H97 C . 8.88 -5.54 -4.98
C23 H97 C . 8.56 -6.03 -6.00
C24 H97 C . 8.15 -6.66 -7.26
C25 H97 C . 6.69 -7.10 -7.18
C26 H97 C . 9.05 -7.84 -7.56
C27 H97 C . 8.58 -2.77 -4.57
C28 H97 C . 9.13 -1.37 -4.88
C29 H97 C . 10.52 -1.41 -5.49
C30 H97 C . 11.05 -0.02 -5.82
C31 H97 C . 10.50 1.03 -4.86
C32 H97 C . 12.58 0.00 -5.80
#